data_9GPF
#
_entry.id   9GPF
#
_cell.length_a   94.568
_cell.length_b   98.902
_cell.length_c   153.246
_cell.angle_alpha   90.00
_cell.angle_beta   90.00
_cell.angle_gamma   90.00
#
_symmetry.space_group_name_H-M   'I 2 2 2'
#
loop_
_entity.id
_entity.type
_entity.pdbx_description
1 polymer 'DUF5060 domain-containing protein'
2 branched beta-D-mannopyranose-(1-4)-beta-D-mannopyranose
3 branched beta-D-mannopyranose-(1-4)-beta-D-mannopyranose-(1-4)-beta-D-mannopyranose-(1-4)-beta-D-mannopyranose-(1-4)-beta-D-mannopyranose
4 non-polymer GLYCEROL
5 water water
#
_entity_poly.entity_id   1
_entity_poly.type   'polypeptide(L)'
_entity_poly.pdbx_seq_one_letter_code
;ESRYKDNRPLNILGIDISKMELGRYNLFEVSIFLQGSYLNPFDPQEIDVEGIFEDQYGNQYRVPGFFYQEYKRELKNDYE
YLVPVGDPYFKIRFSPINIGSYKFFIKVKDKTGREVSSDKYTIYVKESEKPGYIRVSEKNWRYFKFDNGRQFLPIGANIC
WATSKGTYDYDVWLPKCAENGGNYFRVWLGPSWATFALERESVKEYDLKNAWKLDYVLNLAEKLNMYIMFCFDSYNELRY
QKEGAYPYWEHTPHYEKNGGPLKEPKDFWTNNEMIKYYKNKLRYIVARYGYSTNVFAWEFWNQVDIISPTAFVIGEVKKW
HEDMAKYLNSIDPWKHLITTSFAFSPGKPEIDSISGLNFVQTHIYKSNRYIDALLSLIAYKEKYRKPHLVGEFGLDAGGN
DLWVDPNGYVIHNAIWTTILSGASGTAMSWWWDNHIHPNNLYFHYRALADFVKDINFLEEKFERLTNYKFNVYNREIKVI
GLQGKKYILLWLYNAKEAYQYKKDIPNMDSSKFLGSIELLIKPPIKVIYYDTYRGEKIKELDLDKNVIPIIEFERDLAIK
IELLGEGE
;
_entity_poly.pdbx_strand_id   A
#
# COMPACT_ATOMS: atom_id res chain seq x y z
N SER A 2 -23.49 -13.62 19.56
CA SER A 2 -22.28 -14.24 20.11
C SER A 2 -22.16 -15.69 19.65
N ARG A 3 -22.05 -15.90 18.35
CA ARG A 3 -22.04 -17.24 17.78
C ARG A 3 -20.85 -18.07 18.25
N TYR A 4 -19.77 -17.42 18.65
CA TYR A 4 -18.52 -18.10 18.99
C TYR A 4 -18.29 -18.20 20.49
N LYS A 5 -19.32 -17.99 21.29
CA LYS A 5 -19.15 -17.98 22.73
C LYS A 5 -18.72 -19.35 23.24
N ASP A 6 -18.04 -19.33 24.38
CA ASP A 6 -17.64 -20.53 25.10
C ASP A 6 -17.86 -20.28 26.58
N ASN A 7 -18.15 -21.36 27.31
CA ASN A 7 -18.51 -21.25 28.72
C ASN A 7 -17.89 -22.39 29.52
N ARG A 8 -16.65 -22.73 29.20
CA ARG A 8 -15.93 -23.81 29.85
C ARG A 8 -14.75 -23.25 30.65
N PRO A 9 -14.21 -24.00 31.59
CA PRO A 9 -13.05 -23.49 32.33
C PRO A 9 -11.84 -23.37 31.41
N LEU A 10 -11.09 -22.29 31.58
CA LEU A 10 -10.02 -21.94 30.65
C LEU A 10 -8.91 -22.98 30.67
N ASN A 11 -8.60 -23.52 29.50
CA ASN A 11 -7.55 -24.53 29.41
C ASN A 11 -7.00 -24.57 28.00
N ILE A 12 -5.68 -24.73 27.88
CA ILE A 12 -5.08 -25.04 26.60
C ILE A 12 -5.25 -26.52 26.32
N LEU A 13 -5.75 -26.86 25.14
CA LEU A 13 -6.00 -28.25 24.77
C LEU A 13 -4.97 -28.81 23.81
N GLY A 14 -4.34 -27.96 23.02
CA GLY A 14 -3.34 -28.43 22.09
C GLY A 14 -2.59 -27.27 21.48
N ILE A 15 -1.35 -27.50 21.07
CA ILE A 15 -0.56 -26.48 20.38
C ILE A 15 0.14 -27.16 19.23
N ASP A 16 -0.01 -26.59 18.02
CA ASP A 16 0.72 -27.02 16.84
C ASP A 16 1.69 -25.92 16.45
N ILE A 17 2.90 -26.30 16.04
CA ILE A 17 3.92 -25.33 15.64
C ILE A 17 4.29 -25.59 14.18
N SER A 18 4.40 -24.51 13.40
CA SER A 18 4.53 -24.66 11.95
C SER A 18 5.89 -25.25 11.56
N LYS A 19 6.94 -24.91 12.29
CA LYS A 19 8.30 -25.38 11.99
C LYS A 19 9.23 -24.92 13.10
N MET A 20 10.24 -25.72 13.44
CA MET A 20 11.15 -25.33 14.52
C MET A 20 12.40 -24.62 14.00
N GLU A 21 12.65 -24.66 12.70
CA GLU A 21 13.73 -23.92 12.06
C GLU A 21 13.15 -23.13 10.90
N LEU A 22 13.49 -21.85 10.82
CA LEU A 22 12.96 -20.99 9.77
C LEU A 22 13.94 -19.85 9.50
N GLY A 23 13.64 -19.08 8.47
CA GLY A 23 14.51 -18.01 8.04
C GLY A 23 14.12 -16.66 8.61
N ARG A 24 15.10 -15.74 8.61
CA ARG A 24 14.86 -14.38 9.06
C ARG A 24 13.66 -13.80 8.32
N TYR A 25 12.77 -13.15 9.07
CA TYR A 25 11.58 -12.48 8.55
C TYR A 25 10.54 -13.45 7.99
N ASN A 26 10.71 -14.75 8.18
CA ASN A 26 9.73 -15.72 7.71
C ASN A 26 8.65 -15.90 8.76
N LEU A 27 7.49 -16.39 8.32
CA LEU A 27 6.38 -16.63 9.23
C LEU A 27 6.62 -17.84 10.11
N PHE A 28 6.47 -17.65 11.42
CA PHE A 28 6.41 -18.72 12.40
C PHE A 28 5.01 -18.71 12.98
N GLU A 29 4.26 -19.80 12.76
CA GLU A 29 2.84 -19.82 13.11
C GLU A 29 2.57 -20.87 14.17
N VAL A 30 1.82 -20.47 15.20
CA VAL A 30 1.41 -21.33 16.30
C VAL A 30 -0.10 -21.46 16.26
N SER A 31 -0.60 -22.69 16.34
CA SER A 31 -2.02 -22.93 16.42
C SER A 31 -2.35 -23.39 17.84
N ILE A 32 -3.33 -22.73 18.45
CA ILE A 32 -3.69 -22.99 19.85
C ILE A 32 -5.16 -23.43 19.91
N PHE A 33 -5.38 -24.63 20.40
CA PHE A 33 -6.73 -25.12 20.64
C PHE A 33 -7.01 -24.97 22.12
N LEU A 34 -8.15 -24.37 22.46
CA LEU A 34 -8.41 -24.07 23.85
C LEU A 34 -9.92 -24.09 24.10
N GLN A 35 -10.26 -24.15 25.36
CA GLN A 35 -11.61 -23.84 25.82
C GLN A 35 -11.53 -22.75 26.88
N GLY A 36 -12.62 -22.01 27.04
CA GLY A 36 -12.63 -20.94 28.01
C GLY A 36 -14.00 -20.32 28.13
N SER A 37 -14.05 -19.23 28.87
CA SER A 37 -15.27 -18.46 29.11
C SER A 37 -15.13 -17.12 28.43
N TYR A 38 -15.86 -16.93 27.34
CA TYR A 38 -15.81 -15.67 26.62
C TYR A 38 -17.03 -15.57 25.72
N LEU A 39 -17.54 -14.35 25.55
CA LEU A 39 -18.65 -14.15 24.64
C LEU A 39 -18.17 -13.83 23.24
N ASN A 40 -16.99 -13.28 23.13
CA ASN A 40 -16.52 -12.70 21.88
C ASN A 40 -15.02 -12.95 21.75
N PRO A 41 -14.59 -13.86 20.89
CA PRO A 41 -13.14 -14.16 20.80
C PRO A 41 -12.34 -13.06 20.14
N PHE A 42 -12.99 -12.03 19.62
CA PHE A 42 -12.32 -10.88 19.02
C PHE A 42 -12.09 -9.77 20.03
N ASP A 43 -12.54 -9.94 21.28
CA ASP A 43 -12.46 -8.91 22.31
C ASP A 43 -11.48 -9.35 23.39
N PRO A 44 -10.35 -8.66 23.58
CA PRO A 44 -9.37 -9.12 24.58
C PRO A 44 -9.87 -9.05 26.01
N GLN A 45 -10.90 -8.25 26.30
CA GLN A 45 -11.48 -8.29 27.64
C GLN A 45 -12.28 -9.55 27.89
N GLU A 46 -12.65 -10.26 26.82
CA GLU A 46 -13.35 -11.54 26.94
C GLU A 46 -12.34 -12.69 26.95
N ILE A 47 -11.38 -12.67 26.03
CA ILE A 47 -10.30 -13.65 26.07
C ILE A 47 -9.07 -13.01 25.42
N ASP A 48 -7.91 -13.16 26.07
CA ASP A 48 -6.67 -12.50 25.65
C ASP A 48 -5.61 -13.59 25.48
N VAL A 49 -5.28 -13.91 24.23
CA VAL A 49 -4.21 -14.84 23.90
C VAL A 49 -2.97 -14.03 23.55
N GLU A 50 -1.82 -14.40 24.11
CA GLU A 50 -0.57 -13.71 23.79
C GLU A 50 0.54 -14.72 23.59
N GLY A 51 1.45 -14.42 22.67
CA GLY A 51 2.69 -15.15 22.53
C GLY A 51 3.84 -14.25 22.94
N ILE A 52 4.66 -14.73 23.86
CA ILE A 52 5.78 -13.95 24.38
C ILE A 52 7.06 -14.57 23.83
N PHE A 53 7.75 -13.82 22.97
CA PHE A 53 8.97 -14.29 22.32
C PHE A 53 10.18 -13.51 22.81
N GLU A 54 11.33 -14.18 22.88
CA GLU A 54 12.56 -13.52 23.28
C GLU A 54 13.72 -14.08 22.47
N ASP A 55 14.54 -13.20 21.89
CA ASP A 55 15.70 -13.66 21.13
C ASP A 55 16.91 -13.77 22.07
N GLN A 56 18.10 -14.00 21.50
CA GLN A 56 19.33 -14.10 22.28
C GLN A 56 19.90 -12.75 22.68
N TYR A 57 19.28 -11.65 22.25
CA TYR A 57 19.86 -10.32 22.41
C TYR A 57 19.01 -9.44 23.33
N GLY A 58 18.21 -10.06 24.20
CA GLY A 58 17.39 -9.34 25.14
C GLY A 58 16.02 -8.93 24.63
N ASN A 59 15.85 -8.83 23.31
CA ASN A 59 14.61 -8.29 22.75
C ASN A 59 13.44 -9.23 23.04
N GLN A 60 12.37 -8.66 23.59
CA GLN A 60 11.14 -9.39 23.85
C GLN A 60 10.04 -8.86 22.96
N TYR A 61 9.17 -9.77 22.50
CA TYR A 61 8.04 -9.42 21.65
C TYR A 61 6.77 -9.99 22.27
N ARG A 62 5.76 -9.15 22.39
CA ARG A 62 4.45 -9.55 22.91
C ARG A 62 3.49 -9.52 21.73
N VAL A 63 3.09 -10.70 21.26
CA VAL A 63 2.31 -10.83 20.04
C VAL A 63 0.89 -11.22 20.40
N PRO A 64 -0.11 -10.40 20.10
CA PRO A 64 -1.50 -10.80 20.34
C PRO A 64 -1.91 -11.95 19.43
N GLY A 65 -2.71 -12.85 20.00
CA GLY A 65 -3.28 -13.96 19.24
C GLY A 65 -4.64 -13.60 18.68
N PHE A 66 -5.10 -14.41 17.72
CA PHE A 66 -6.34 -14.08 17.01
C PHE A 66 -7.15 -15.32 16.69
N PHE A 67 -8.46 -15.12 16.64
CA PHE A 67 -9.41 -16.19 16.33
C PHE A 67 -9.38 -16.50 14.83
N TYR A 68 -9.41 -17.79 14.49
CA TYR A 68 -9.18 -18.26 13.14
C TYR A 68 -10.14 -19.39 12.79
N GLN A 69 -10.67 -19.35 11.57
CA GLN A 69 -11.37 -20.50 10.97
C GLN A 69 -10.70 -20.91 9.67
N GLU A 70 -10.40 -22.20 9.53
CA GLU A 70 -9.87 -22.71 8.27
C GLU A 70 -10.98 -22.85 7.24
N TYR A 71 -10.63 -22.54 5.99
CA TYR A 71 -11.54 -22.74 4.87
C TYR A 71 -10.80 -23.43 3.74
N LYS A 72 -11.59 -24.08 2.87
CA LYS A 72 -11.10 -24.56 1.59
C LYS A 72 -11.87 -23.82 0.50
N ARG A 73 -11.15 -23.13 -0.38
CA ARG A 73 -11.82 -22.36 -1.42
C ARG A 73 -12.14 -23.23 -2.62
N GLU A 74 -13.21 -22.85 -3.30
CA GLU A 74 -13.54 -23.42 -4.60
C GLU A 74 -14.22 -22.35 -5.43
N LEU A 75 -14.26 -22.57 -6.74
CA LEU A 75 -14.97 -21.70 -7.65
C LEU A 75 -16.30 -22.37 -8.00
N LYS A 76 -17.41 -21.71 -7.67
CA LYS A 76 -18.75 -22.19 -8.03
C LYS A 76 -19.18 -21.35 -9.24
N ASN A 77 -18.83 -21.83 -10.43
CA ASN A 77 -19.01 -21.10 -11.68
C ASN A 77 -18.26 -19.77 -11.66
N ASP A 78 -18.95 -18.68 -11.31
CA ASP A 78 -18.33 -17.36 -11.36
C ASP A 78 -18.17 -16.72 -9.99
N TYR A 79 -18.26 -17.50 -8.91
CA TYR A 79 -18.02 -16.92 -7.60
C TYR A 79 -17.23 -17.86 -6.71
N GLU A 80 -16.40 -17.26 -5.87
CA GLU A 80 -15.65 -18.00 -4.87
C GLU A 80 -16.55 -18.43 -3.72
N TYR A 81 -16.40 -19.68 -3.29
CA TYR A 81 -17.11 -20.21 -2.14
C TYR A 81 -16.10 -20.82 -1.19
N LEU A 82 -16.22 -20.51 0.09
CA LEU A 82 -15.31 -21.01 1.12
C LEU A 82 -16.04 -22.03 1.98
N VAL A 83 -15.53 -23.26 1.99
CA VAL A 83 -16.07 -24.33 2.83
C VAL A 83 -15.31 -24.36 4.15
N PRO A 84 -15.98 -24.27 5.29
CA PRO A 84 -15.23 -24.34 6.56
C PRO A 84 -14.67 -25.73 6.79
N VAL A 85 -13.46 -25.78 7.34
CA VAL A 85 -12.76 -27.02 7.63
C VAL A 85 -12.46 -27.04 9.12
N GLY A 86 -13.05 -27.99 9.84
CA GLY A 86 -12.81 -28.10 11.27
C GLY A 86 -13.43 -26.97 12.08
N ASP A 87 -13.21 -27.05 13.40
CA ASP A 87 -13.67 -26.01 14.32
C ASP A 87 -12.70 -24.84 14.31
N PRO A 88 -13.17 -23.64 14.64
CA PRO A 88 -12.26 -22.50 14.77
C PRO A 88 -11.38 -22.67 16.01
N TYR A 89 -10.26 -21.93 16.00
CA TYR A 89 -9.29 -21.97 17.08
C TYR A 89 -8.49 -20.67 17.04
N PHE A 90 -7.41 -20.60 17.81
CA PHE A 90 -6.62 -19.37 17.91
C PHE A 90 -5.24 -19.57 17.31
N LYS A 91 -4.70 -18.48 16.76
CA LYS A 91 -3.36 -18.55 16.19
C LYS A 91 -2.48 -17.42 16.72
N ILE A 92 -1.18 -17.66 16.65
CA ILE A 92 -0.17 -16.62 16.85
C ILE A 92 0.73 -16.64 15.63
N ARG A 93 1.00 -15.46 15.06
CA ARG A 93 1.85 -15.35 13.88
C ARG A 93 3.01 -14.43 14.20
N PHE A 94 4.22 -14.97 14.11
CA PHE A 94 5.43 -14.26 14.53
C PHE A 94 6.41 -14.23 13.36
N SER A 95 7.26 -13.22 13.37
CA SER A 95 8.33 -13.13 12.39
C SER A 95 9.60 -12.69 13.11
N PRO A 96 10.70 -13.44 13.01
CA PRO A 96 11.94 -13.08 13.71
C PRO A 96 12.77 -12.08 12.92
N ILE A 97 13.18 -10.99 13.58
CA ILE A 97 14.03 -10.00 12.92
C ILE A 97 15.51 -10.35 13.06
N ASN A 98 15.90 -11.01 14.15
CA ASN A 98 17.26 -11.49 14.33
C ASN A 98 17.35 -12.97 14.04
N ILE A 99 18.56 -13.43 13.68
CA ILE A 99 18.80 -14.85 13.54
C ILE A 99 19.27 -15.38 14.90
N GLY A 100 19.42 -16.69 15.01
CA GLY A 100 19.76 -17.31 16.26
C GLY A 100 18.55 -17.96 16.93
N SER A 101 18.69 -18.17 18.24
CA SER A 101 17.67 -18.88 19.01
C SER A 101 16.62 -17.92 19.55
N TYR A 102 15.37 -18.39 19.60
CA TYR A 102 14.27 -17.71 20.28
C TYR A 102 13.62 -18.69 21.25
N LYS A 103 13.21 -18.20 22.41
CA LYS A 103 12.33 -18.95 23.29
C LYS A 103 10.97 -18.27 23.33
N PHE A 104 9.92 -19.06 23.44
CA PHE A 104 8.60 -18.44 23.53
C PHE A 104 7.65 -19.31 24.33
N PHE A 105 6.58 -18.70 24.80
CA PHE A 105 5.49 -19.42 25.43
C PHE A 105 4.20 -18.70 25.15
N ILE A 106 3.09 -19.38 25.42
CA ILE A 106 1.74 -18.86 25.20
C ILE A 106 1.13 -18.53 26.56
N LYS A 107 0.46 -17.38 26.64
CA LYS A 107 -0.33 -17.00 27.80
C LYS A 107 -1.77 -16.75 27.37
N VAL A 108 -2.73 -17.22 28.18
CA VAL A 108 -4.15 -16.96 27.90
C VAL A 108 -4.83 -16.54 29.19
N LYS A 109 -5.69 -15.52 29.09
CA LYS A 109 -6.52 -15.08 30.20
C LYS A 109 -7.93 -14.82 29.67
N ASP A 110 -8.96 -15.23 30.42
CA ASP A 110 -10.32 -14.96 29.98
C ASP A 110 -11.04 -14.06 30.98
N LYS A 111 -12.32 -13.83 30.72
CA LYS A 111 -13.08 -12.83 31.47
C LYS A 111 -13.23 -13.20 32.94
N THR A 112 -13.03 -14.47 33.30
CA THR A 112 -13.11 -14.87 34.70
C THR A 112 -11.89 -14.45 35.51
N GLY A 113 -10.83 -13.98 34.85
CA GLY A 113 -9.57 -13.73 35.50
C GLY A 113 -8.63 -14.92 35.54
N ARG A 114 -9.11 -16.11 35.20
CA ARG A 114 -8.24 -17.27 35.15
C ARG A 114 -7.17 -17.09 34.07
N GLU A 115 -5.95 -17.51 34.38
CA GLU A 115 -4.82 -17.47 33.47
C GLU A 115 -4.19 -18.85 33.34
N VAL A 116 -3.84 -19.23 32.11
CA VAL A 116 -3.08 -20.44 31.86
C VAL A 116 -1.93 -20.08 30.93
N SER A 117 -0.95 -20.98 30.88
CA SER A 117 0.21 -20.72 30.03
C SER A 117 0.79 -22.03 29.56
N SER A 118 1.65 -21.96 28.55
CA SER A 118 2.37 -23.13 28.08
C SER A 118 3.77 -23.15 28.66
N ASP A 119 4.42 -24.30 28.55
CA ASP A 119 5.86 -24.37 28.76
C ASP A 119 6.57 -23.54 27.71
N LYS A 120 7.87 -23.34 27.91
CA LYS A 120 8.69 -22.61 26.96
C LYS A 120 9.19 -23.53 25.86
N TYR A 121 9.15 -23.05 24.63
CA TYR A 121 9.60 -23.76 23.46
C TYR A 121 10.72 -22.96 22.81
N THR A 122 11.60 -23.65 22.10
CA THR A 122 12.75 -23.03 21.47
C THR A 122 12.69 -23.27 19.98
N ILE A 123 12.97 -22.21 19.21
CA ILE A 123 13.09 -22.30 17.76
C ILE A 123 14.41 -21.68 17.35
N TYR A 124 14.86 -22.02 16.15
CA TYR A 124 16.13 -21.54 15.64
C TYR A 124 15.91 -20.84 14.31
N VAL A 125 16.52 -19.66 14.16
CA VAL A 125 16.33 -18.83 12.98
C VAL A 125 17.65 -18.70 12.25
N LYS A 126 17.64 -18.99 10.95
CA LYS A 126 18.80 -18.87 10.09
C LYS A 126 18.62 -17.69 9.14
N GLU A 127 19.72 -17.29 8.52
CA GLU A 127 19.66 -16.18 7.57
C GLU A 127 18.77 -16.52 6.38
N SER A 128 18.16 -15.49 5.80
CA SER A 128 17.30 -15.64 4.64
C SER A 128 17.56 -14.53 3.63
N GLU A 129 16.86 -14.63 2.51
CA GLU A 129 16.93 -13.65 1.44
C GLU A 129 16.03 -12.45 1.67
N LYS A 130 15.20 -12.46 2.70
CA LYS A 130 14.20 -11.41 2.82
C LYS A 130 14.86 -10.10 3.27
N PRO A 131 14.49 -8.98 2.66
CA PRO A 131 15.12 -7.69 3.02
C PRO A 131 14.56 -7.05 4.28
N GLY A 132 13.45 -7.54 4.80
CA GLY A 132 12.89 -6.99 6.02
C GLY A 132 11.69 -6.11 5.79
N TYR A 133 11.35 -5.33 6.82
CA TYR A 133 10.19 -4.44 6.79
C TYR A 133 10.53 -3.14 6.07
N ILE A 134 9.48 -2.46 5.59
CA ILE A 134 9.67 -1.20 4.88
C ILE A 134 9.58 -0.04 5.86
N ARG A 135 10.56 0.86 5.78
CA ARG A 135 10.74 2.00 6.67
C ARG A 135 10.93 3.24 5.83
N VAL A 136 10.90 4.40 6.49
CA VAL A 136 11.38 5.63 5.85
C VAL A 136 12.90 5.60 5.79
N SER A 137 13.46 6.03 4.66
CA SER A 137 14.90 6.10 4.51
C SER A 137 15.48 7.21 5.40
N GLU A 138 16.53 6.86 6.17
CA GLU A 138 17.25 7.86 6.94
C GLU A 138 18.21 8.68 6.09
N LYS A 139 18.53 8.22 4.88
CA LYS A 139 19.41 8.97 3.99
C LYS A 139 18.68 10.04 3.20
N ASN A 140 17.41 9.79 2.85
CA ASN A 140 16.65 10.74 2.05
C ASN A 140 15.18 10.54 2.42
N TRP A 141 14.62 11.51 3.15
CA TRP A 141 13.27 11.35 3.69
C TRP A 141 12.20 11.30 2.62
N ARG A 142 12.56 11.50 1.34
CA ARG A 142 11.58 11.39 0.26
C ARG A 142 11.26 9.94 -0.09
N TYR A 143 12.04 8.97 0.41
CA TYR A 143 11.98 7.61 -0.09
C TYR A 143 11.89 6.60 1.05
N PHE A 144 11.44 5.40 0.69
CA PHE A 144 11.37 4.24 1.56
C PHE A 144 12.57 3.30 1.37
N LYS A 145 12.84 2.52 2.40
CA LYS A 145 13.88 1.48 2.35
C LYS A 145 13.33 0.22 3.00
N PHE A 146 14.05 -0.88 2.77
CA PHE A 146 13.90 -2.07 3.59
C PHE A 146 14.86 -2.02 4.76
N ASP A 147 14.60 -2.86 5.77
CA ASP A 147 15.51 -2.92 6.93
C ASP A 147 16.96 -3.17 6.50
N ASN A 148 17.16 -3.95 5.44
CA ASN A 148 18.53 -4.26 5.04
C ASN A 148 19.22 -3.12 4.30
N GLY A 149 18.54 -1.99 4.11
CA GLY A 149 19.12 -0.83 3.49
C GLY A 149 18.78 -0.61 2.04
N ARG A 150 18.29 -1.64 1.33
CA ARG A 150 17.93 -1.46 -0.07
C ARG A 150 16.69 -0.59 -0.19
N GLN A 151 16.59 0.13 -1.31
CA GLN A 151 15.45 1.01 -1.51
C GLN A 151 14.19 0.20 -1.78
N PHE A 152 13.05 0.77 -1.37
CA PHE A 152 11.73 0.31 -1.82
C PHE A 152 11.10 1.46 -2.60
N LEU A 153 11.03 1.33 -3.92
CA LEU A 153 10.36 2.27 -4.80
C LEU A 153 9.05 1.63 -5.22
N PRO A 154 7.90 2.01 -4.65
CA PRO A 154 6.65 1.36 -5.03
C PRO A 154 6.30 1.63 -6.49
N ILE A 155 6.08 0.53 -7.22
CA ILE A 155 5.63 0.54 -8.60
C ILE A 155 4.45 -0.41 -8.67
N GLY A 156 3.28 0.10 -9.07
CA GLY A 156 2.11 -0.76 -9.07
C GLY A 156 0.85 0.04 -9.30
N ALA A 157 -0.24 -0.45 -8.72
CA ALA A 157 -1.53 0.21 -8.87
C ALA A 157 -2.41 -0.16 -7.69
N ASN A 158 -3.55 0.54 -7.59
CA ASN A 158 -4.61 0.09 -6.71
C ASN A 158 -5.18 -1.23 -7.23
N ILE A 159 -5.34 -2.19 -6.34
CA ILE A 159 -6.00 -3.46 -6.70
C ILE A 159 -6.89 -3.80 -5.51
N CYS A 160 -7.89 -2.96 -5.27
CA CYS A 160 -8.41 -2.85 -3.91
C CYS A 160 -9.47 -3.88 -3.55
N TRP A 161 -10.13 -4.48 -4.53
CA TRP A 161 -11.10 -5.54 -4.29
C TRP A 161 -11.23 -6.36 -5.55
N ALA A 162 -11.81 -7.55 -5.39
CA ALA A 162 -12.05 -8.47 -6.49
C ALA A 162 -13.51 -8.46 -6.90
N THR A 163 -13.80 -9.16 -7.99
CA THR A 163 -15.16 -9.50 -8.37
C THR A 163 -15.67 -10.60 -7.44
N SER A 164 -16.83 -11.18 -7.78
CA SER A 164 -17.31 -12.34 -7.03
C SER A 164 -16.30 -13.48 -7.03
N LYS A 165 -15.37 -13.51 -7.99
CA LYS A 165 -14.37 -14.58 -8.02
C LYS A 165 -13.35 -14.47 -6.88
N GLY A 166 -13.28 -13.34 -6.18
CA GLY A 166 -12.52 -13.28 -4.95
C GLY A 166 -11.04 -13.50 -5.17
N THR A 167 -10.46 -14.41 -4.37
CA THR A 167 -9.02 -14.67 -4.45
C THR A 167 -8.61 -15.15 -5.84
N TYR A 168 -9.54 -15.77 -6.59
CA TYR A 168 -9.18 -16.23 -7.93
C TYR A 168 -8.87 -15.08 -8.88
N ASP A 169 -9.38 -13.86 -8.64
CA ASP A 169 -8.96 -12.72 -9.43
C ASP A 169 -7.51 -12.31 -9.11
N TYR A 170 -7.13 -12.35 -7.83
CA TYR A 170 -5.76 -12.01 -7.46
C TYR A 170 -4.77 -13.02 -8.02
N ASP A 171 -5.20 -14.29 -8.20
CA ASP A 171 -4.38 -15.29 -8.88
C ASP A 171 -3.99 -14.86 -10.29
N VAL A 172 -4.81 -14.02 -10.91
CA VAL A 172 -4.57 -13.55 -12.27
C VAL A 172 -3.88 -12.20 -12.28
N TRP A 173 -4.38 -11.25 -11.51
CA TRP A 173 -3.86 -9.89 -11.58
C TRP A 173 -2.45 -9.81 -11.01
N LEU A 174 -2.19 -10.46 -9.88
CA LEU A 174 -0.92 -10.21 -9.19
C LEU A 174 0.27 -10.79 -9.97
N PRO A 175 0.22 -12.00 -10.52
CA PRO A 175 1.38 -12.46 -11.32
C PRO A 175 1.62 -11.59 -12.53
N LYS A 176 0.57 -11.10 -13.18
CA LYS A 176 0.76 -10.18 -14.31
C LYS A 176 1.46 -8.90 -13.85
N CYS A 177 1.03 -8.36 -12.72
CA CYS A 177 1.64 -7.13 -12.21
C CYS A 177 3.11 -7.37 -11.87
N ALA A 178 3.39 -8.45 -11.15
CA ALA A 178 4.75 -8.72 -10.67
C ALA A 178 5.70 -9.00 -11.81
N GLU A 179 5.25 -9.71 -12.84
CA GLU A 179 6.17 -10.00 -13.93
C GLU A 179 6.45 -8.79 -14.79
N ASN A 180 5.71 -7.70 -14.60
CA ASN A 180 5.93 -6.45 -15.31
C ASN A 180 6.44 -5.35 -14.39
N GLY A 181 7.21 -5.72 -13.37
CA GLY A 181 7.91 -4.75 -12.56
C GLY A 181 7.13 -4.24 -11.37
N GLY A 182 5.92 -4.76 -11.14
CA GLY A 182 5.08 -4.28 -10.05
C GLY A 182 5.49 -4.91 -8.73
N ASN A 183 5.64 -4.08 -7.70
CA ASN A 183 5.97 -4.56 -6.37
C ASN A 183 5.02 -4.02 -5.31
N TYR A 184 3.89 -3.43 -5.72
CA TYR A 184 3.02 -2.71 -4.79
C TYR A 184 1.56 -2.84 -5.23
N PHE A 185 0.67 -3.00 -4.25
CA PHE A 185 -0.73 -2.70 -4.47
C PHE A 185 -1.39 -2.32 -3.15
N ARG A 186 -2.66 -1.92 -3.22
CA ARG A 186 -3.42 -1.46 -2.06
C ARG A 186 -4.73 -2.23 -2.06
N VAL A 187 -5.16 -2.66 -0.86
CA VAL A 187 -6.42 -3.38 -0.69
C VAL A 187 -7.27 -2.66 0.35
N TRP A 188 -8.59 -2.85 0.24
CA TRP A 188 -9.55 -2.25 1.16
C TRP A 188 -10.10 -3.30 2.12
N LEU A 189 -10.13 -2.95 3.41
CA LEU A 189 -10.69 -3.81 4.47
C LEU A 189 -12.06 -3.30 4.91
N GLY A 190 -12.57 -2.28 4.25
CA GLY A 190 -13.93 -1.79 4.41
C GLY A 190 -14.28 -1.05 3.14
N PRO A 191 -15.56 -0.68 2.92
CA PRO A 191 -16.76 -0.94 3.71
C PRO A 191 -17.17 -2.41 3.66
N SER A 192 -18.39 -2.71 4.13
CA SER A 192 -18.80 -4.10 4.36
C SER A 192 -18.82 -4.95 3.10
N TRP A 193 -18.94 -4.33 1.93
CA TRP A 193 -18.99 -5.07 0.67
C TRP A 193 -17.63 -5.45 0.14
N ALA A 194 -16.56 -4.98 0.77
CA ALA A 194 -15.22 -5.19 0.24
C ALA A 194 -14.83 -6.66 0.36
N THR A 195 -13.97 -7.10 -0.57
CA THR A 195 -13.50 -8.49 -0.54
C THR A 195 -12.91 -8.86 0.81
N PHE A 196 -12.16 -7.94 1.42
CA PHE A 196 -11.44 -8.21 2.66
C PHE A 196 -12.09 -7.52 3.86
N ALA A 197 -13.40 -7.30 3.81
CA ALA A 197 -14.06 -6.55 4.88
C ALA A 197 -14.06 -7.33 6.18
N LEU A 198 -13.39 -6.77 7.19
CA LEU A 198 -13.38 -7.44 8.50
C LEU A 198 -14.68 -7.13 9.25
N GLU A 199 -15.14 -5.90 9.17
CA GLU A 199 -16.41 -5.49 9.76
C GLU A 199 -17.49 -5.66 8.70
N ARG A 200 -17.93 -6.90 8.52
CA ARG A 200 -18.94 -7.19 7.50
C ARG A 200 -20.35 -7.09 8.06
N GLU A 201 -20.64 -7.90 9.09
CA GLU A 201 -21.95 -7.86 9.73
C GLU A 201 -21.96 -7.06 11.03
N SER A 202 -20.79 -6.71 11.55
CA SER A 202 -20.66 -6.25 12.92
C SER A 202 -19.39 -5.42 13.02
N VAL A 203 -19.37 -4.48 13.96
CA VAL A 203 -18.11 -3.85 14.34
C VAL A 203 -17.51 -4.47 15.59
N LYS A 204 -18.15 -5.46 16.18
CA LYS A 204 -17.65 -6.12 17.38
C LYS A 204 -16.98 -7.45 17.10
N GLU A 205 -17.37 -8.10 16.00
CA GLU A 205 -16.84 -9.40 15.59
C GLU A 205 -16.44 -9.30 14.13
N TYR A 206 -15.36 -9.99 13.75
CA TYR A 206 -14.78 -9.80 12.42
C TYR A 206 -15.01 -11.05 11.56
N ASP A 207 -15.10 -10.82 10.26
CA ASP A 207 -15.52 -11.85 9.32
C ASP A 207 -14.35 -12.79 9.01
N LEU A 208 -14.51 -14.06 9.38
CA LEU A 208 -13.40 -14.98 9.25
C LEU A 208 -13.16 -15.44 7.81
N LYS A 209 -14.20 -15.43 6.98
CA LYS A 209 -13.99 -15.76 5.57
C LYS A 209 -13.17 -14.67 4.87
N ASN A 210 -13.57 -13.42 5.05
CA ASN A 210 -12.83 -12.34 4.41
C ASN A 210 -11.40 -12.24 4.94
N ALA A 211 -11.21 -12.53 6.23
CA ALA A 211 -9.85 -12.51 6.79
C ALA A 211 -9.01 -13.62 6.19
N TRP A 212 -9.63 -14.78 5.92
CA TRP A 212 -8.94 -15.86 5.22
C TRP A 212 -8.56 -15.46 3.79
N LYS A 213 -9.45 -14.76 3.09
CA LYS A 213 -9.10 -14.29 1.75
C LYS A 213 -7.91 -13.34 1.80
N LEU A 214 -7.85 -12.48 2.82
CA LEU A 214 -6.74 -11.56 2.96
C LEU A 214 -5.44 -12.31 3.26
N ASP A 215 -5.50 -13.33 4.13
CA ASP A 215 -4.37 -14.26 4.30
C ASP A 215 -3.86 -14.73 2.96
N TYR A 216 -4.80 -15.22 2.12
CA TYR A 216 -4.42 -15.84 0.86
C TYR A 216 -3.72 -14.84 -0.04
N VAL A 217 -4.27 -13.63 -0.14
CA VAL A 217 -3.70 -12.63 -1.02
C VAL A 217 -2.37 -12.12 -0.47
N LEU A 218 -2.25 -12.00 0.85
CA LEU A 218 -0.97 -11.65 1.45
C LEU A 218 0.08 -12.73 1.18
N ASN A 219 -0.33 -14.00 1.25
CA ASN A 219 0.59 -15.10 0.94
C ASN A 219 1.02 -15.07 -0.53
N LEU A 220 0.10 -14.71 -1.43
CA LEU A 220 0.45 -14.59 -2.83
C LEU A 220 1.44 -13.45 -3.05
N ALA A 221 1.21 -12.31 -2.38
CA ALA A 221 2.17 -11.21 -2.47
C ALA A 221 3.54 -11.65 -1.93
N GLU A 222 3.56 -12.44 -0.86
CA GLU A 222 4.83 -12.97 -0.36
C GLU A 222 5.57 -13.73 -1.44
N LYS A 223 4.86 -14.57 -2.19
CA LYS A 223 5.51 -15.38 -3.21
C LYS A 223 6.00 -14.54 -4.39
N LEU A 224 5.35 -13.40 -4.64
CA LEU A 224 5.64 -12.56 -5.79
C LEU A 224 6.48 -11.33 -5.46
N ASN A 225 6.94 -11.19 -4.21
CA ASN A 225 7.69 -10.01 -3.77
C ASN A 225 6.93 -8.72 -4.07
N MET A 226 5.67 -8.71 -3.63
CA MET A 226 4.85 -7.51 -3.69
C MET A 226 4.48 -7.09 -2.26
N TYR A 227 4.24 -5.79 -2.10
CA TYR A 227 4.06 -5.19 -0.79
C TYR A 227 2.78 -4.37 -0.79
N ILE A 228 1.98 -4.51 0.26
CA ILE A 228 0.58 -4.10 0.23
C ILE A 228 0.35 -2.97 1.24
N MET A 229 -0.38 -1.95 0.81
CA MET A 229 -0.99 -1.01 1.76
C MET A 229 -2.38 -1.54 2.11
N PHE A 230 -2.64 -1.72 3.42
CA PHE A 230 -3.93 -2.15 3.95
C PHE A 230 -4.72 -0.90 4.32
N CYS A 231 -5.82 -0.64 3.62
CA CYS A 231 -6.70 0.50 3.94
C CYS A 231 -7.82 -0.01 4.83
N PHE A 232 -7.83 0.41 6.09
CA PHE A 232 -8.72 -0.18 7.09
C PHE A 232 -10.17 0.20 6.87
N ASP A 233 -10.43 1.47 6.54
CA ASP A 233 -11.78 1.99 6.42
C ASP A 233 -11.86 2.93 5.22
N SER A 234 -13.04 2.99 4.60
CA SER A 234 -13.27 3.94 3.53
C SER A 234 -14.41 4.89 3.89
N TYR A 235 -14.30 6.12 3.36
CA TYR A 235 -15.20 7.23 3.68
C TYR A 235 -16.67 6.86 3.54
N ASN A 236 -16.98 5.92 2.63
CA ASN A 236 -18.37 5.56 2.36
C ASN A 236 -19.08 5.18 3.64
N GLU A 237 -18.35 4.51 4.55
CA GLU A 237 -18.93 4.03 5.79
C GLU A 237 -19.62 5.13 6.57
N LEU A 238 -19.12 6.37 6.46
CA LEU A 238 -19.62 7.47 7.26
C LEU A 238 -20.25 8.54 6.39
N ARG A 239 -20.80 8.15 5.25
CA ARG A 239 -21.39 9.10 4.30
C ARG A 239 -22.85 8.70 4.05
N TYR A 240 -23.76 9.66 4.21
CA TYR A 240 -25.20 9.41 4.09
C TYR A 240 -25.63 9.23 2.64
N GLN A 241 -26.66 8.40 2.44
CA GLN A 241 -27.19 8.16 1.10
C GLN A 241 -27.48 9.46 0.34
N LYS A 242 -28.08 10.43 1.03
CA LYS A 242 -28.46 11.67 0.34
C LYS A 242 -27.27 12.49 -0.14
N GLU A 243 -26.05 12.15 0.30
CA GLU A 243 -24.86 12.89 -0.07
C GLU A 243 -24.16 12.32 -1.29
N GLY A 244 -24.63 11.19 -1.80
CA GLY A 244 -24.06 10.62 -3.01
C GLY A 244 -22.63 10.14 -2.81
N ALA A 245 -21.96 9.98 -3.96
CA ALA A 245 -20.56 9.54 -4.00
C ALA A 245 -20.37 8.17 -3.34
N TYR A 246 -21.16 7.20 -3.79
CA TYR A 246 -21.12 5.81 -3.32
C TYR A 246 -21.27 5.75 -1.80
N PRO A 247 -22.35 6.27 -1.28
CA PRO A 247 -22.53 6.32 0.18
C PRO A 247 -22.89 4.97 0.75
N TYR A 248 -22.63 4.81 2.06
CA TYR A 248 -22.91 3.52 2.69
C TYR A 248 -23.33 3.61 4.16
N TRP A 249 -23.56 4.80 4.74
CA TRP A 249 -23.85 4.86 6.17
C TRP A 249 -25.08 4.03 6.53
N GLU A 250 -26.13 4.11 5.72
CA GLU A 250 -27.37 3.40 6.05
C GLU A 250 -27.16 1.89 6.11
N HIS A 251 -26.10 1.37 5.50
CA HIS A 251 -25.84 -0.07 5.46
C HIS A 251 -24.67 -0.49 6.33
N THR A 252 -23.98 0.46 6.95
CA THR A 252 -22.73 0.12 7.63
C THR A 252 -23.01 -0.43 9.03
N PRO A 253 -22.23 -1.40 9.50
CA PRO A 253 -22.50 -1.98 10.82
C PRO A 253 -22.28 -1.01 11.97
N HIS A 254 -21.59 0.10 11.73
CA HIS A 254 -21.39 1.10 12.79
C HIS A 254 -22.70 1.71 13.24
N TYR A 255 -23.66 1.81 12.33
CA TYR A 255 -24.92 2.50 12.58
C TYR A 255 -25.80 1.69 13.53
N GLU A 256 -26.39 2.38 14.51
CA GLU A 256 -27.27 1.72 15.47
C GLU A 256 -28.38 0.91 14.79
N LYS A 257 -28.89 1.42 13.65
CA LYS A 257 -29.92 0.70 12.91
C LYS A 257 -29.49 -0.70 12.55
N ASN A 258 -28.20 -0.91 12.35
CA ASN A 258 -27.65 -2.18 11.92
C ASN A 258 -26.92 -2.91 13.04
N GLY A 259 -27.13 -2.48 14.29
CA GLY A 259 -26.57 -3.16 15.44
C GLY A 259 -25.36 -2.49 16.06
N GLY A 260 -24.89 -1.38 15.50
CA GLY A 260 -23.69 -0.75 15.98
C GLY A 260 -23.95 0.30 17.04
N PRO A 261 -22.89 0.94 17.53
CA PRO A 261 -23.03 1.89 18.63
C PRO A 261 -23.40 3.32 18.24
N LEU A 262 -23.34 3.68 16.96
CA LEU A 262 -23.37 5.08 16.56
C LEU A 262 -24.76 5.52 16.09
N LYS A 263 -25.24 6.64 16.65
CA LYS A 263 -26.48 7.22 16.14
C LYS A 263 -26.27 8.06 14.88
N GLU A 264 -25.07 8.59 14.66
CA GLU A 264 -24.74 9.35 13.47
C GLU A 264 -23.25 9.23 13.23
N PRO A 265 -22.77 9.45 12.01
CA PRO A 265 -21.35 9.21 11.74
C PRO A 265 -20.42 10.14 12.52
N LYS A 266 -20.87 11.35 12.88
CA LYS A 266 -20.02 12.24 13.67
C LYS A 266 -19.52 11.58 14.94
N ASP A 267 -20.31 10.67 15.51
CA ASP A 267 -19.96 10.09 16.80
C ASP A 267 -18.86 9.05 16.68
N PHE A 268 -18.48 8.68 15.46
CA PHE A 268 -17.39 7.71 15.29
C PHE A 268 -16.13 8.15 16.03
N TRP A 269 -15.83 9.46 16.00
CA TRP A 269 -14.54 9.94 16.47
C TRP A 269 -14.43 9.94 17.98
N THR A 270 -15.55 9.99 18.70
CA THR A 270 -15.53 10.16 20.15
C THR A 270 -16.37 9.16 20.93
N ASN A 271 -17.18 8.32 20.28
CA ASN A 271 -18.01 7.36 21.00
C ASN A 271 -17.10 6.33 21.68
N ASN A 272 -17.27 6.17 23.00
CA ASN A 272 -16.35 5.32 23.77
C ASN A 272 -16.45 3.87 23.33
N GLU A 273 -17.65 3.38 23.06
CA GLU A 273 -17.82 2.00 22.62
C GLU A 273 -17.18 1.79 21.26
N MET A 274 -17.38 2.74 20.33
CA MET A 274 -16.78 2.61 18.99
C MET A 274 -15.27 2.62 19.07
N ILE A 275 -14.70 3.50 19.91
CA ILE A 275 -13.24 3.58 20.02
C ILE A 275 -12.70 2.27 20.57
N LYS A 276 -13.36 1.69 21.57
CA LYS A 276 -12.92 0.41 22.11
C LYS A 276 -12.95 -0.67 21.03
N TYR A 277 -14.04 -0.77 20.28
CA TYR A 277 -14.14 -1.76 19.20
CA TYR A 277 -14.07 -1.82 19.26
C TYR A 277 -13.07 -1.52 18.14
N TYR A 278 -12.84 -0.26 17.80
CA TYR A 278 -11.83 0.03 16.77
C TYR A 278 -10.45 -0.43 17.21
N LYS A 279 -10.12 -0.21 18.48
CA LYS A 279 -8.84 -0.70 19.01
C LYS A 279 -8.78 -2.22 18.97
N ASN A 280 -9.91 -2.90 19.24
CA ASN A 280 -9.93 -4.36 19.10
C ASN A 280 -9.65 -4.77 17.66
N LYS A 281 -10.18 -4.01 16.70
CA LYS A 281 -9.92 -4.31 15.29
C LYS A 281 -8.45 -4.12 14.95
N LEU A 282 -7.85 -3.02 15.43
CA LEU A 282 -6.43 -2.82 15.20
C LEU A 282 -5.60 -3.95 15.81
N ARG A 283 -5.97 -4.41 17.01
CA ARG A 283 -5.29 -5.54 17.63
C ARG A 283 -5.45 -6.80 16.78
N TYR A 284 -6.64 -7.01 16.21
CA TYR A 284 -6.86 -8.18 15.37
C TYR A 284 -6.02 -8.12 14.10
N ILE A 285 -5.93 -6.93 13.51
CA ILE A 285 -5.14 -6.75 12.30
C ILE A 285 -3.66 -6.98 12.59
N VAL A 286 -3.16 -6.40 13.68
CA VAL A 286 -1.76 -6.63 14.06
C VAL A 286 -1.52 -8.11 14.31
N ALA A 287 -2.44 -8.75 15.05
CA ALA A 287 -2.29 -10.16 15.37
C ALA A 287 -2.21 -11.01 14.11
N ARG A 288 -3.12 -10.78 13.16
CA ARG A 288 -3.27 -11.67 12.03
C ARG A 288 -2.30 -11.36 10.90
N TYR A 289 -1.91 -10.10 10.75
CA TYR A 289 -1.11 -9.69 9.58
C TYR A 289 0.18 -8.96 9.91
N GLY A 290 0.39 -8.54 11.15
CA GLY A 290 1.54 -7.72 11.47
C GLY A 290 2.87 -8.39 11.23
N TYR A 291 2.93 -9.72 11.38
CA TYR A 291 4.17 -10.45 11.12
C TYR A 291 4.76 -10.15 9.75
N SER A 292 3.92 -9.80 8.77
CA SER A 292 4.31 -9.92 7.38
C SER A 292 5.14 -8.72 6.92
N THR A 293 6.35 -8.98 6.40
CA THR A 293 7.08 -7.89 5.73
C THR A 293 6.40 -7.46 4.45
N ASN A 294 5.44 -8.23 3.95
CA ASN A 294 4.72 -7.80 2.77
C ASN A 294 3.58 -6.84 3.07
N VAL A 295 3.36 -6.50 4.34
CA VAL A 295 2.52 -5.34 4.65
C VAL A 295 3.40 -4.10 4.60
N PHE A 296 3.23 -3.31 3.55
CA PHE A 296 3.98 -2.06 3.40
C PHE A 296 3.51 -1.01 4.40
N ALA A 297 2.19 -0.87 4.58
CA ALA A 297 1.71 0.21 5.44
C ALA A 297 0.31 -0.08 5.93
N TRP A 298 0.02 0.44 7.11
CA TRP A 298 -1.33 0.55 7.66
C TRP A 298 -1.89 1.92 7.28
N GLU A 299 -3.03 1.94 6.60
CA GLU A 299 -3.69 3.18 6.20
C GLU A 299 -5.04 3.23 6.87
N PHE A 300 -5.25 4.23 7.74
CA PHE A 300 -6.50 4.25 8.49
C PHE A 300 -7.70 4.44 7.56
N TRP A 301 -7.65 5.46 6.69
CA TRP A 301 -8.80 5.91 5.93
C TRP A 301 -8.50 6.09 4.46
N ASN A 302 -9.44 5.63 3.63
CA ASN A 302 -9.58 6.14 2.27
C ASN A 302 -10.42 7.41 2.32
N GLN A 303 -9.77 8.57 2.14
CA GLN A 303 -10.44 9.86 1.91
C GLN A 303 -11.37 10.28 3.04
N VAL A 304 -10.80 10.40 4.24
CA VAL A 304 -11.59 10.70 5.43
C VAL A 304 -12.27 12.07 5.35
N ASP A 305 -11.75 12.98 4.51
CA ASP A 305 -12.35 14.31 4.38
C ASP A 305 -13.70 14.30 3.68
N ILE A 306 -14.07 13.22 2.97
CA ILE A 306 -15.36 13.20 2.31
C ILE A 306 -16.30 12.17 2.92
N ILE A 307 -16.11 11.86 4.20
CA ILE A 307 -17.21 11.37 5.02
C ILE A 307 -18.29 12.45 5.02
N SER A 308 -19.44 12.18 5.61
CA SER A 308 -20.50 13.19 5.66
C SER A 308 -19.93 14.50 6.22
N PRO A 309 -20.26 15.64 5.61
CA PRO A 309 -19.89 16.92 6.25
C PRO A 309 -20.50 17.07 7.62
N THR A 310 -21.57 16.34 7.94
CA THR A 310 -22.10 16.37 9.30
C THR A 310 -21.17 15.69 10.29
N ALA A 311 -20.19 14.94 9.80
CA ALA A 311 -19.36 14.10 10.64
C ALA A 311 -17.91 14.53 10.67
N PHE A 312 -17.48 15.42 9.77
CA PHE A 312 -16.06 15.77 9.69
C PHE A 312 -15.80 16.97 10.59
N VAL A 313 -15.21 16.70 11.75
CA VAL A 313 -14.80 17.71 12.71
C VAL A 313 -13.28 17.65 12.77
N ILE A 314 -12.60 18.64 12.19
CA ILE A 314 -11.17 18.51 11.90
C ILE A 314 -10.38 18.22 13.18
N GLY A 315 -10.68 18.91 14.28
CA GLY A 315 -9.93 18.68 15.50
C GLY A 315 -10.11 17.28 16.06
N GLU A 316 -11.32 16.73 15.91
CA GLU A 316 -11.59 15.40 16.43
C GLU A 316 -10.96 14.33 15.54
N VAL A 317 -11.00 14.55 14.23
CA VAL A 317 -10.36 13.60 13.32
C VAL A 317 -8.86 13.59 13.52
N LYS A 318 -8.27 14.78 13.72
CA LYS A 318 -6.84 14.89 14.01
C LYS A 318 -6.49 14.13 15.29
N LYS A 319 -7.22 14.39 16.37
CA LYS A 319 -6.90 13.73 17.64
C LYS A 319 -7.07 12.23 17.54
N TRP A 320 -8.11 11.78 16.85
CA TRP A 320 -8.32 10.35 16.63
C TRP A 320 -7.13 9.74 15.89
N HIS A 321 -6.62 10.42 14.86
CA HIS A 321 -5.47 9.88 14.14
C HIS A 321 -4.23 9.86 15.03
N GLU A 322 -4.01 10.91 15.82
CA GLU A 322 -2.88 10.91 16.75
C GLU A 322 -2.99 9.74 17.72
N ASP A 323 -4.17 9.57 18.33
CA ASP A 323 -4.35 8.55 19.35
C ASP A 323 -4.26 7.15 18.77
N MET A 324 -4.89 6.92 17.62
CA MET A 324 -4.89 5.58 17.03
C MET A 324 -3.51 5.22 16.47
N ALA A 325 -2.79 6.20 15.90
CA ALA A 325 -1.42 5.94 15.45
C ALA A 325 -0.53 5.56 16.62
N LYS A 326 -0.70 6.25 17.76
CA LYS A 326 0.08 5.91 18.94
C LYS A 326 -0.27 4.51 19.45
N TYR A 327 -1.58 4.19 19.50
CA TYR A 327 -1.98 2.86 19.96
C TYR A 327 -1.47 1.77 19.02
N LEU A 328 -1.71 1.95 17.72
CA LEU A 328 -1.30 0.94 16.74
C LEU A 328 0.20 0.69 16.80
N ASN A 329 1.00 1.76 16.78
CA ASN A 329 2.45 1.61 16.90
C ASN A 329 2.83 0.88 18.18
N SER A 330 2.13 1.16 19.28
CA SER A 330 2.52 0.56 20.55
C SER A 330 2.25 -0.94 20.60
N ILE A 331 1.22 -1.43 19.92
CA ILE A 331 0.92 -2.84 19.96
C ILE A 331 1.51 -3.62 18.79
N ASP A 332 2.02 -2.95 17.76
CA ASP A 332 2.59 -3.60 16.59
C ASP A 332 4.05 -3.92 16.87
N PRO A 333 4.41 -5.19 17.09
CA PRO A 333 5.82 -5.50 17.40
C PRO A 333 6.78 -5.11 16.30
N TRP A 334 6.31 -4.94 15.07
CA TRP A 334 7.20 -4.66 13.94
C TRP A 334 7.12 -3.23 13.44
N LYS A 335 6.27 -2.40 14.04
CA LYS A 335 6.24 -0.95 13.79
C LYS A 335 6.10 -0.63 12.29
N HIS A 336 5.09 -1.19 11.65
CA HIS A 336 4.83 -0.85 10.26
C HIS A 336 4.52 0.63 10.11
N LEU A 337 4.80 1.14 8.91
CA LEU A 337 4.41 2.49 8.54
C LEU A 337 2.90 2.69 8.66
N ILE A 338 2.52 3.93 9.01
CA ILE A 338 1.13 4.33 9.21
C ILE A 338 0.86 5.57 8.37
N THR A 339 -0.29 5.62 7.70
CA THR A 339 -0.67 6.78 6.89
C THR A 339 -2.18 6.93 6.91
N THR A 340 -2.68 7.93 6.19
CA THR A 340 -4.11 8.11 5.96
C THR A 340 -4.24 8.94 4.68
N SER A 341 -5.46 9.04 4.15
CA SER A 341 -5.60 9.73 2.87
C SER A 341 -6.82 10.64 2.83
N PHE A 342 -6.76 11.54 1.84
CA PHE A 342 -7.77 12.56 1.60
C PHE A 342 -8.13 12.57 0.12
N ALA A 343 -9.41 12.86 -0.17
CA ALA A 343 -9.81 13.06 -1.55
C ALA A 343 -9.34 14.41 -2.07
N PHE A 344 -9.41 15.45 -1.24
CA PHE A 344 -8.90 16.76 -1.62
C PHE A 344 -7.42 16.66 -1.92
N SER A 345 -7.02 16.99 -3.15
CA SER A 345 -5.65 16.67 -3.55
C SER A 345 -4.59 17.33 -2.68
N PRO A 346 -4.71 18.60 -2.26
CA PRO A 346 -3.71 19.17 -1.35
C PRO A 346 -3.71 18.58 0.05
N GLY A 347 -4.70 17.75 0.40
CA GLY A 347 -4.69 17.13 1.72
C GLY A 347 -5.11 18.10 2.82
N LYS A 348 -4.83 17.69 4.05
CA LYS A 348 -5.19 18.46 5.25
C LYS A 348 -3.95 18.62 6.12
N PRO A 349 -3.27 19.76 6.06
CA PRO A 349 -2.00 19.90 6.82
C PRO A 349 -2.12 19.61 8.31
N GLU A 350 -3.28 19.90 8.93
CA GLU A 350 -3.44 19.65 10.35
C GLU A 350 -3.27 18.17 10.69
N ILE A 351 -3.60 17.29 9.74
CA ILE A 351 -3.47 15.85 9.94
C ILE A 351 -2.19 15.33 9.29
N ASP A 352 -1.86 15.79 8.09
CA ASP A 352 -0.66 15.30 7.42
C ASP A 352 0.61 15.58 8.23
N SER A 353 0.58 16.62 9.06
CA SER A 353 1.76 17.02 9.82
C SER A 353 1.99 16.20 11.08
N ILE A 354 1.07 15.33 11.49
CA ILE A 354 1.27 14.68 12.78
C ILE A 354 2.37 13.63 12.66
N SER A 355 3.18 13.53 13.70
CA SER A 355 4.38 12.69 13.61
C SER A 355 4.04 11.22 13.47
N GLY A 356 2.89 10.79 14.01
CA GLY A 356 2.53 9.38 13.95
C GLY A 356 2.17 8.88 12.58
N LEU A 357 1.93 9.77 11.62
CA LEU A 357 1.75 9.37 10.23
C LEU A 357 3.12 9.46 9.56
N ASN A 358 3.66 8.32 9.16
CA ASN A 358 5.03 8.29 8.69
C ASN A 358 5.20 8.80 7.27
N PHE A 359 4.13 8.84 6.45
CA PHE A 359 4.23 9.42 5.12
C PHE A 359 2.87 10.00 4.72
N VAL A 360 2.91 10.90 3.72
CA VAL A 360 1.71 11.58 3.26
C VAL A 360 1.34 11.05 1.89
N GLN A 361 0.09 11.32 1.50
CA GLN A 361 -0.42 10.86 0.22
C GLN A 361 -1.13 11.98 -0.52
N THR A 362 -1.32 11.74 -1.82
CA THR A 362 -2.18 12.54 -2.66
C THR A 362 -3.10 11.62 -3.44
N HIS A 363 -4.38 11.99 -3.49
CA HIS A 363 -5.32 11.46 -4.48
C HIS A 363 -5.64 12.58 -5.45
N ILE A 364 -5.62 12.28 -6.75
CA ILE A 364 -5.96 13.31 -7.73
C ILE A 364 -6.62 12.67 -8.94
N TYR A 365 -7.82 13.14 -9.27
CA TYR A 365 -8.52 12.77 -10.49
C TYR A 365 -8.74 14.08 -11.25
N LYS A 366 -8.02 14.25 -12.35
CA LYS A 366 -7.99 15.52 -13.05
C LYS A 366 -7.73 15.27 -14.52
N SER A 367 -8.55 15.87 -15.40
CA SER A 367 -8.42 15.56 -16.83
C SER A 367 -7.49 16.52 -17.55
N ASN A 368 -7.34 17.76 -17.09
CA ASN A 368 -6.62 18.75 -17.85
C ASN A 368 -5.32 19.14 -17.16
N ARG A 369 -4.22 19.06 -17.91
CA ARG A 369 -2.90 19.48 -17.43
C ARG A 369 -2.54 18.82 -16.11
N TYR A 370 -2.87 17.53 -15.99
CA TYR A 370 -2.55 16.81 -14.77
C TYR A 370 -1.05 16.59 -14.57
N ILE A 371 -0.24 16.66 -15.63
CA ILE A 371 1.20 16.59 -15.42
C ILE A 371 1.66 17.77 -14.56
N ASP A 372 1.21 18.97 -14.90
CA ASP A 372 1.57 20.14 -14.10
C ASP A 372 1.00 20.06 -12.70
N ALA A 373 -0.20 19.49 -12.55
CA ALA A 373 -0.80 19.39 -11.23
C ALA A 373 -0.03 18.43 -10.34
N LEU A 374 0.41 17.30 -10.91
CA LEU A 374 1.24 16.36 -10.14
C LEU A 374 2.53 17.01 -9.68
N LEU A 375 3.22 17.71 -10.60
CA LEU A 375 4.45 18.41 -10.23
C LEU A 375 4.21 19.41 -9.11
N SER A 376 3.13 20.19 -9.20
CA SER A 376 2.87 21.20 -8.18
C SER A 376 2.60 20.57 -6.82
N LEU A 377 1.83 19.49 -6.80
CA LEU A 377 1.50 18.85 -5.52
C LEU A 377 2.72 18.18 -4.91
N ILE A 378 3.58 17.61 -5.75
CA ILE A 378 4.80 16.99 -5.22
C ILE A 378 5.73 18.04 -4.66
N ALA A 379 5.88 19.18 -5.35
CA ALA A 379 6.70 20.26 -4.81
C ALA A 379 6.14 20.78 -3.50
N TYR A 380 4.81 20.95 -3.45
CA TYR A 380 4.16 21.48 -2.26
C TYR A 380 4.40 20.58 -1.04
N LYS A 381 4.23 19.27 -1.20
CA LYS A 381 4.23 18.42 -0.03
C LYS A 381 5.63 18.04 0.44
N GLU A 382 6.67 18.53 -0.23
CA GLU A 382 8.02 18.42 0.32
C GLU A 382 8.14 19.09 1.68
N LYS A 383 7.22 20.01 2.01
CA LYS A 383 7.28 20.69 3.29
C LYS A 383 7.14 19.73 4.47
N TYR A 384 6.57 18.55 4.26
CA TYR A 384 6.35 17.62 5.37
C TYR A 384 7.59 16.84 5.76
N ARG A 385 8.63 16.82 4.93
CA ARG A 385 9.90 16.14 5.27
C ARG A 385 9.67 14.65 5.57
N LYS A 386 8.78 14.04 4.81
CA LYS A 386 8.59 12.60 4.88
C LYS A 386 8.08 12.16 3.52
N PRO A 387 8.06 10.84 3.25
CA PRO A 387 7.73 10.40 1.89
C PRO A 387 6.32 10.76 1.47
N HIS A 388 6.14 10.84 0.15
CA HIS A 388 4.89 11.25 -0.48
C HIS A 388 4.51 10.17 -1.49
N LEU A 389 3.35 9.54 -1.30
CA LEU A 389 2.83 8.55 -2.25
C LEU A 389 1.60 9.12 -2.94
N VAL A 390 1.63 9.16 -4.27
CA VAL A 390 0.42 9.53 -5.00
C VAL A 390 -0.42 8.27 -5.08
N GLY A 391 -1.24 8.05 -4.05
CA GLY A 391 -1.89 6.78 -3.83
C GLY A 391 -3.10 6.51 -4.70
N GLU A 392 -3.67 7.55 -5.33
CA GLU A 392 -4.70 7.32 -6.34
C GLU A 392 -4.56 8.36 -7.44
N PHE A 393 -4.73 7.92 -8.68
CA PHE A 393 -4.65 8.82 -9.82
C PHE A 393 -5.57 8.34 -10.94
N GLY A 394 -6.25 9.29 -11.58
CA GLY A 394 -6.97 9.00 -12.81
C GLY A 394 -7.42 10.30 -13.45
N LEU A 395 -8.09 10.16 -14.59
CA LEU A 395 -8.77 11.30 -15.22
C LEU A 395 -9.99 11.68 -14.38
N ASP A 396 -10.43 12.93 -14.52
CA ASP A 396 -11.72 13.27 -13.90
C ASP A 396 -12.82 13.07 -14.92
N ALA A 397 -13.11 11.78 -15.18
CA ALA A 397 -13.99 11.40 -16.28
C ALA A 397 -15.12 10.51 -15.81
N GLY A 398 -15.45 10.53 -14.52
CA GLY A 398 -16.51 9.68 -13.99
C GLY A 398 -16.33 8.22 -14.29
N GLY A 399 -15.08 7.75 -14.26
CA GLY A 399 -14.78 6.37 -14.53
C GLY A 399 -14.66 5.99 -15.99
N ASN A 400 -14.63 6.97 -16.88
CA ASN A 400 -14.63 6.74 -18.32
C ASN A 400 -13.23 6.69 -18.91
N ASP A 401 -12.20 6.64 -18.06
CA ASP A 401 -10.82 6.44 -18.49
C ASP A 401 -10.74 5.28 -19.47
N LEU A 402 -11.55 4.23 -19.24
CA LEU A 402 -11.41 3.02 -20.04
C LEU A 402 -11.86 3.22 -21.48
N TRP A 403 -12.77 4.16 -21.75
CA TRP A 403 -13.16 4.47 -23.13
CA TRP A 403 -13.10 4.44 -23.15
C TRP A 403 -12.39 5.66 -23.69
N VAL A 404 -12.00 6.61 -22.85
CA VAL A 404 -11.28 7.77 -23.33
C VAL A 404 -9.84 7.43 -23.70
N ASP A 405 -9.23 6.48 -22.97
CA ASP A 405 -7.78 6.22 -23.05
C ASP A 405 -7.51 4.72 -22.96
N PRO A 406 -7.94 3.95 -23.96
CA PRO A 406 -7.76 2.49 -23.88
C PRO A 406 -6.30 2.04 -23.88
N ASN A 407 -5.37 2.85 -24.38
CA ASN A 407 -3.96 2.48 -24.41
C ASN A 407 -3.22 2.84 -23.13
N GLY A 408 -3.88 3.53 -22.19
CA GLY A 408 -3.23 3.83 -20.93
C GLY A 408 -2.24 4.98 -20.96
N TYR A 409 -2.36 5.91 -21.92
CA TYR A 409 -1.45 7.05 -21.97
C TYR A 409 -1.55 7.90 -20.71
N VAL A 410 -2.75 8.00 -20.13
CA VAL A 410 -2.92 8.79 -18.91
C VAL A 410 -2.09 8.19 -17.77
N ILE A 411 -2.22 6.88 -17.58
CA ILE A 411 -1.41 6.18 -16.58
C ILE A 411 0.06 6.37 -16.87
N HIS A 412 0.43 6.16 -18.14
CA HIS A 412 1.81 6.35 -18.59
C HIS A 412 2.35 7.70 -18.18
N ASN A 413 1.64 8.79 -18.54
CA ASN A 413 2.10 10.13 -18.20
C ASN A 413 2.27 10.30 -16.70
N ALA A 414 1.34 9.74 -15.92
CA ALA A 414 1.36 9.97 -14.49
C ALA A 414 2.52 9.23 -13.82
N ILE A 415 2.83 8.01 -14.25
CA ILE A 415 3.85 7.25 -13.54
C ILE A 415 5.22 7.82 -13.82
N TRP A 416 5.46 8.27 -15.06
CA TRP A 416 6.74 8.93 -15.38
C TRP A 416 6.86 10.26 -14.66
N THR A 417 5.80 11.07 -14.66
CA THR A 417 5.84 12.38 -14.01
C THR A 417 6.14 12.24 -12.53
N THR A 418 5.46 11.30 -11.85
CA THR A 418 5.57 11.25 -10.40
C THR A 418 6.95 10.75 -9.98
N ILE A 419 7.44 9.69 -10.61
CA ILE A 419 8.74 9.11 -10.24
C ILE A 419 9.87 10.11 -10.48
N LEU A 420 9.78 10.88 -11.56
CA LEU A 420 10.86 11.80 -11.90
C LEU A 420 10.61 13.21 -11.38
N SER A 421 9.68 13.35 -10.43
CA SER A 421 9.46 14.63 -9.75
C SER A 421 9.80 14.56 -8.27
N GLY A 422 10.20 13.39 -7.78
CA GLY A 422 10.57 13.24 -6.39
C GLY A 422 9.55 12.57 -5.50
N ALA A 423 8.47 12.02 -6.08
CA ALA A 423 7.57 11.22 -5.27
C ALA A 423 8.22 9.89 -4.95
N SER A 424 7.71 9.23 -3.91
CA SER A 424 8.35 8.02 -3.42
C SER A 424 8.24 6.84 -4.38
N GLY A 425 7.30 6.90 -5.31
CA GLY A 425 7.12 5.85 -6.30
C GLY A 425 6.15 6.33 -7.35
N THR A 426 5.58 5.37 -8.08
CA THR A 426 4.65 5.75 -9.15
C THR A 426 3.32 6.25 -8.60
N ALA A 427 2.69 7.13 -9.39
CA ALA A 427 1.26 7.39 -9.21
C ALA A 427 0.51 6.07 -9.35
N MET A 428 -0.44 5.83 -8.44
CA MET A 428 -1.11 4.53 -8.35
C MET A 428 -2.49 4.64 -9.00
N SER A 429 -2.64 4.00 -10.15
CA SER A 429 -3.86 4.11 -10.95
C SER A 429 -5.05 3.43 -10.26
N TRP A 430 -6.25 3.93 -10.59
CA TRP A 430 -7.48 3.20 -10.31
C TRP A 430 -7.71 2.21 -11.46
N TRP A 431 -8.88 1.55 -11.48
CA TRP A 431 -9.36 0.84 -12.67
C TRP A 431 -8.53 -0.40 -12.97
N TRP A 432 -8.09 -1.12 -11.93
CA TRP A 432 -7.27 -2.31 -12.14
C TRP A 432 -8.05 -3.39 -12.89
N ASP A 433 -9.35 -3.51 -12.61
CA ASP A 433 -10.12 -4.66 -13.05
C ASP A 433 -10.81 -4.43 -14.39
N ASN A 434 -11.25 -3.21 -14.65
CA ASN A 434 -11.96 -2.91 -15.88
C ASN A 434 -11.09 -2.21 -16.93
N HIS A 435 -9.82 -1.95 -16.63
CA HIS A 435 -8.98 -1.12 -17.51
C HIS A 435 -7.58 -1.71 -17.59
N ILE A 436 -6.84 -1.70 -16.48
CA ILE A 436 -5.44 -2.15 -16.53
C ILE A 436 -5.36 -3.58 -17.03
N HIS A 437 -6.14 -4.48 -16.42
CA HIS A 437 -6.02 -5.88 -16.83
C HIS A 437 -6.59 -6.15 -18.22
N PRO A 438 -7.86 -5.84 -18.52
CA PRO A 438 -8.37 -6.21 -19.85
C PRO A 438 -7.65 -5.49 -21.00
N ASN A 439 -7.17 -4.27 -20.80
CA ASN A 439 -6.44 -3.56 -21.84
C ASN A 439 -4.94 -3.91 -21.82
N ASN A 440 -4.52 -4.77 -20.89
CA ASN A 440 -3.14 -5.28 -20.84
C ASN A 440 -2.13 -4.13 -20.76
N LEU A 441 -2.33 -3.27 -19.76
CA LEU A 441 -1.53 -2.05 -19.66
C LEU A 441 -0.27 -2.24 -18.84
N TYR A 442 0.04 -3.47 -18.43
CA TYR A 442 1.16 -3.72 -17.54
C TYR A 442 2.50 -3.32 -18.15
N PHE A 443 2.60 -3.32 -19.48
CA PHE A 443 3.88 -3.00 -20.12
C PHE A 443 4.37 -1.61 -19.77
N HIS A 444 3.46 -0.68 -19.47
CA HIS A 444 3.90 0.66 -19.07
C HIS A 444 4.77 0.59 -17.82
N TYR A 445 4.36 -0.25 -16.87
CA TYR A 445 5.10 -0.38 -15.62
C TYR A 445 6.45 -1.08 -15.85
N ARG A 446 6.47 -2.07 -16.74
CA ARG A 446 7.71 -2.77 -17.01
C ARG A 446 8.74 -1.82 -17.60
N ALA A 447 8.32 -0.97 -18.54
CA ALA A 447 9.23 0.00 -19.13
C ALA A 447 9.80 0.93 -18.06
N LEU A 448 8.94 1.43 -17.16
CA LEU A 448 9.41 2.35 -16.14
C LEU A 448 10.31 1.66 -15.14
N ALA A 449 9.92 0.46 -14.67
CA ALA A 449 10.73 -0.24 -13.70
C ALA A 449 12.13 -0.51 -14.23
N ASP A 450 12.23 -0.90 -15.50
CA ASP A 450 13.54 -1.20 -16.07
C ASP A 450 14.41 0.05 -16.19
N PHE A 451 13.78 1.22 -16.30
CA PHE A 451 14.53 2.46 -16.39
C PHE A 451 15.11 2.88 -15.03
N VAL A 452 14.36 2.67 -13.94
CA VAL A 452 14.75 3.22 -12.64
C VAL A 452 15.47 2.24 -11.72
N LYS A 453 15.36 0.93 -11.96
CA LYS A 453 15.68 -0.02 -10.91
C LYS A 453 17.17 -0.07 -10.58
N ASP A 454 18.04 0.27 -11.54
CA ASP A 454 19.48 0.20 -11.31
C ASP A 454 20.05 1.49 -10.70
N ILE A 455 19.20 2.46 -10.35
CA ILE A 455 19.60 3.69 -9.69
C ILE A 455 19.26 3.57 -8.21
N ASN A 456 20.21 3.89 -7.33
CA ASN A 456 19.89 3.98 -5.90
C ASN A 456 19.41 5.39 -5.62
N PHE A 457 18.09 5.56 -5.56
CA PHE A 457 17.51 6.86 -5.28
C PHE A 457 17.86 7.37 -3.88
N LEU A 458 18.21 6.47 -2.96
CA LEU A 458 18.46 6.91 -1.58
C LEU A 458 19.72 7.74 -1.48
N GLU A 459 20.63 7.60 -2.44
CA GLU A 459 21.95 8.18 -2.34
C GLU A 459 22.27 9.19 -3.44
N GLU A 460 21.38 9.39 -4.40
CA GLU A 460 21.65 10.32 -5.49
C GLU A 460 21.48 11.78 -5.11
N LYS A 461 20.81 12.05 -3.99
CA LYS A 461 20.49 13.43 -3.59
C LYS A 461 19.74 14.16 -4.70
N PHE A 462 18.79 13.45 -5.33
CA PHE A 462 18.01 13.99 -6.43
C PHE A 462 17.27 15.26 -6.00
N GLU A 463 17.23 16.23 -6.89
CA GLU A 463 16.30 17.34 -6.78
C GLU A 463 15.68 17.58 -8.15
N ARG A 464 14.50 18.21 -8.13
CA ARG A 464 13.79 18.52 -9.36
C ARG A 464 14.67 19.33 -10.29
N LEU A 465 14.61 19.01 -11.58
CA LEU A 465 15.47 19.67 -12.54
C LEU A 465 15.21 21.17 -12.60
N THR A 466 16.29 21.94 -12.61
CA THR A 466 16.28 23.38 -12.83
C THR A 466 17.44 23.72 -13.76
N ASN A 467 17.63 25.01 -14.00
CA ASN A 467 18.81 25.50 -14.74
C ASN A 467 18.89 24.91 -16.14
N TYR A 468 17.74 24.65 -16.76
CA TYR A 468 17.73 24.05 -18.09
C TYR A 468 17.20 25.03 -19.13
N LYS A 469 17.56 24.76 -20.38
CA LYS A 469 17.25 25.65 -21.49
C LYS A 469 16.93 24.81 -22.71
N PHE A 470 15.66 24.78 -23.10
CA PHE A 470 15.27 24.13 -24.35
C PHE A 470 15.68 24.99 -25.53
N ASN A 471 16.09 24.34 -26.61
CA ASN A 471 16.25 24.96 -27.92
C ASN A 471 15.56 24.03 -28.92
N VAL A 472 14.28 24.30 -29.18
CA VAL A 472 13.42 23.46 -30.01
C VAL A 472 12.53 24.36 -30.85
N TYR A 473 12.46 24.10 -32.14
CA TYR A 473 11.71 24.93 -33.07
C TYR A 473 10.50 24.18 -33.63
N ASN A 474 9.37 24.88 -33.72
CA ASN A 474 8.13 24.37 -34.32
C ASN A 474 7.55 23.19 -33.55
N ARG A 475 7.99 22.98 -32.31
CA ARG A 475 7.42 21.97 -31.44
C ARG A 475 7.44 22.51 -30.01
N GLU A 476 6.47 22.07 -29.20
CA GLU A 476 6.43 22.44 -27.80
C GLU A 476 6.76 21.21 -26.98
N ILE A 477 8.02 21.12 -26.54
CA ILE A 477 8.50 20.02 -25.72
C ILE A 477 8.66 20.53 -24.29
N LYS A 478 8.24 19.72 -23.32
CA LYS A 478 8.42 20.05 -21.91
C LYS A 478 9.18 18.91 -21.23
N VAL A 479 9.69 19.16 -20.03
CA VAL A 479 10.51 18.20 -19.32
C VAL A 479 10.04 18.06 -17.87
N ILE A 480 10.10 16.83 -17.37
CA ILE A 480 10.05 16.49 -15.95
C ILE A 480 11.37 15.78 -15.66
N GLY A 481 12.09 16.21 -14.64
CA GLY A 481 13.41 15.64 -14.45
C GLY A 481 13.92 15.69 -13.03
N LEU A 482 14.92 14.86 -12.77
CA LEU A 482 15.65 14.83 -11.50
C LEU A 482 17.13 15.00 -11.79
N GLN A 483 17.81 15.81 -10.98
CA GLN A 483 19.25 16.01 -11.09
C GLN A 483 19.91 15.50 -9.81
N GLY A 484 20.81 14.52 -9.95
CA GLY A 484 21.48 13.91 -8.83
C GLY A 484 22.98 14.06 -8.92
N LYS A 485 23.66 13.48 -7.94
CA LYS A 485 25.11 13.62 -7.89
C LYS A 485 25.83 12.79 -8.94
N LYS A 486 25.17 11.76 -9.49
CA LYS A 486 25.78 10.98 -10.56
C LYS A 486 24.87 10.84 -11.77
N TYR A 487 23.56 10.89 -11.57
CA TYR A 487 22.63 10.71 -12.68
C TYR A 487 21.72 11.91 -12.83
N ILE A 488 21.29 12.14 -14.07
CA ILE A 488 20.21 13.05 -14.39
C ILE A 488 19.18 12.26 -15.19
N LEU A 489 17.94 12.26 -14.72
CA LEU A 489 16.86 11.51 -15.33
C LEU A 489 15.84 12.48 -15.89
N LEU A 490 15.60 12.41 -17.20
CA LEU A 490 14.67 13.29 -17.89
C LEU A 490 13.51 12.50 -18.49
N TRP A 491 12.31 13.05 -18.37
CA TRP A 491 11.16 12.60 -19.15
C TRP A 491 10.69 13.80 -19.98
N LEU A 492 10.85 13.70 -21.29
CA LEU A 492 10.45 14.74 -22.23
C LEU A 492 9.11 14.36 -22.85
N TYR A 493 8.22 15.34 -23.01
CA TYR A 493 6.95 15.05 -23.65
C TYR A 493 6.55 16.18 -24.57
N ASN A 494 5.83 15.81 -25.63
CA ASN A 494 5.26 16.77 -26.57
C ASN A 494 3.96 17.29 -25.97
N ALA A 495 3.91 18.59 -25.67
CA ALA A 495 2.72 19.14 -25.01
C ALA A 495 1.49 19.06 -25.89
N LYS A 496 1.65 18.96 -27.20
CA LYS A 496 0.51 18.91 -28.11
C LYS A 496 0.09 17.47 -28.44
N GLU A 497 0.81 16.47 -27.95
CA GLU A 497 0.46 15.08 -28.19
C GLU A 497 0.19 14.29 -26.92
N ALA A 498 0.73 14.71 -25.77
CA ALA A 498 0.67 13.86 -24.59
C ALA A 498 -0.74 13.73 -24.04
N TYR A 499 -1.60 14.71 -24.29
CA TYR A 499 -2.97 14.68 -23.78
C TYR A 499 -3.99 14.26 -24.84
N GLN A 500 -3.54 13.70 -25.96
CA GLN A 500 -4.42 13.13 -26.97
C GLN A 500 -4.26 11.61 -26.94
N TYR A 501 -5.38 10.89 -26.88
CA TYR A 501 -5.34 9.47 -26.58
C TYR A 501 -5.88 8.59 -27.70
N LYS A 502 -6.15 9.15 -28.87
CA LYS A 502 -6.76 8.35 -29.92
C LYS A 502 -5.76 7.55 -30.74
N LYS A 503 -4.49 7.96 -30.78
CA LYS A 503 -3.54 7.34 -31.68
C LYS A 503 -3.06 6.00 -31.11
N ASP A 504 -2.55 5.16 -32.01
CA ASP A 504 -1.98 3.89 -31.61
C ASP A 504 -0.67 4.10 -30.86
N ILE A 505 -0.24 3.06 -30.16
CA ILE A 505 0.98 3.14 -29.37
C ILE A 505 2.15 3.49 -30.28
N PRO A 506 2.98 4.48 -29.93
CA PRO A 506 4.07 4.87 -30.82
C PRO A 506 4.95 3.68 -31.19
N ASN A 507 5.38 3.64 -32.44
CA ASN A 507 6.31 2.60 -32.89
C ASN A 507 7.61 3.26 -33.33
N MET A 508 8.48 3.53 -32.34
CA MET A 508 9.94 3.58 -32.47
C MET A 508 10.51 4.88 -33.02
N ASP A 509 10.07 6.01 -32.47
CA ASP A 509 10.74 7.31 -32.63
C ASP A 509 11.42 7.50 -33.98
N SER A 510 12.72 7.81 -34.00
CA SER A 510 13.33 8.16 -35.27
C SER A 510 14.86 8.18 -35.17
N SER A 511 15.45 8.35 -36.35
CA SER A 511 16.85 8.62 -36.58
C SER A 511 17.19 10.12 -36.56
N LYS A 512 16.19 10.98 -36.43
CA LYS A 512 16.37 12.40 -36.72
C LYS A 512 16.65 13.23 -35.46
N PHE A 513 17.22 14.40 -35.67
CA PHE A 513 17.41 15.41 -34.63
C PHE A 513 16.15 16.27 -34.53
N LEU A 514 15.65 16.45 -33.30
CA LEU A 514 14.50 17.32 -33.04
C LEU A 514 14.91 18.68 -32.49
N GLY A 515 15.75 18.67 -31.46
CA GLY A 515 16.10 19.88 -30.73
C GLY A 515 17.10 19.53 -29.66
N SER A 516 17.30 20.43 -28.71
CA SER A 516 18.29 20.19 -27.67
C SER A 516 17.81 20.74 -26.34
N ILE A 517 18.42 20.23 -25.27
CA ILE A 517 18.23 20.77 -23.93
C ILE A 517 19.62 20.94 -23.30
N GLU A 518 19.87 22.11 -22.72
CA GLU A 518 21.14 22.44 -22.12
C GLU A 518 20.99 22.41 -20.60
N LEU A 519 21.94 21.77 -19.91
CA LEU A 519 21.85 21.56 -18.48
C LEU A 519 23.06 22.14 -17.76
N LEU A 520 22.83 22.64 -16.54
CA LEU A 520 23.90 23.15 -15.68
C LEU A 520 24.63 21.96 -15.08
N ILE A 521 25.51 21.36 -15.90
CA ILE A 521 26.29 20.19 -15.50
C ILE A 521 27.65 20.26 -16.16
N LYS A 522 28.59 19.49 -15.63
CA LYS A 522 29.97 19.50 -16.12
C LYS A 522 30.28 18.20 -16.83
N PRO A 523 30.67 18.27 -18.10
CA PRO A 523 31.01 17.08 -18.88
C PRO A 523 32.30 16.44 -18.37
N PRO A 524 32.69 15.26 -18.90
CA PRO A 524 31.97 14.44 -19.89
C PRO A 524 30.78 13.69 -19.30
N ILE A 525 29.83 13.32 -20.17
CA ILE A 525 28.63 12.61 -19.76
C ILE A 525 28.34 11.51 -20.76
N LYS A 526 27.64 10.48 -20.30
CA LYS A 526 27.07 9.45 -21.17
C LYS A 526 25.56 9.61 -21.19
N VAL A 527 24.97 9.60 -22.37
CA VAL A 527 23.55 9.86 -22.56
C VAL A 527 22.88 8.61 -23.12
N ILE A 528 21.85 8.13 -22.42
CA ILE A 528 21.08 6.97 -22.86
C ILE A 528 19.66 7.43 -23.19
N TYR A 529 19.22 7.12 -24.41
CA TYR A 529 17.87 7.43 -24.87
C TYR A 529 17.02 6.19 -24.73
N TYR A 530 15.84 6.32 -24.13
CA TYR A 530 15.06 5.17 -23.69
C TYR A 530 13.62 5.28 -24.20
N ASP A 531 13.18 4.23 -24.90
CA ASP A 531 11.82 4.13 -25.40
C ASP A 531 10.91 3.75 -24.24
N THR A 532 9.99 4.64 -23.86
CA THR A 532 9.16 4.44 -22.68
C THR A 532 7.98 3.53 -22.92
N TYR A 533 7.74 3.11 -24.17
CA TYR A 533 6.66 2.17 -24.47
C TYR A 533 7.18 0.77 -24.69
N ARG A 534 8.27 0.62 -25.44
CA ARG A 534 8.89 -0.67 -25.62
C ARG A 534 9.81 -1.02 -24.44
N GLY A 535 10.21 -0.03 -23.65
CA GLY A 535 11.05 -0.28 -22.50
C GLY A 535 12.45 -0.75 -22.85
N GLU A 536 13.12 -0.02 -23.72
CA GLU A 536 14.43 -0.45 -24.18
C GLU A 536 15.27 0.76 -24.56
N LYS A 537 16.58 0.57 -24.46
CA LYS A 537 17.52 1.58 -24.95
C LYS A 537 17.36 1.75 -26.45
N ILE A 538 17.32 3.00 -26.89
CA ILE A 538 17.25 3.35 -28.31
C ILE A 538 18.62 3.68 -28.86
N LYS A 539 19.46 4.33 -28.06
CA LYS A 539 20.65 5.02 -28.52
C LYS A 539 21.48 5.40 -27.30
N GLU A 540 22.80 5.37 -27.46
CA GLU A 540 23.71 5.85 -26.43
C GLU A 540 24.70 6.81 -27.06
N LEU A 541 25.09 7.84 -26.32
CA LEU A 541 25.90 8.92 -26.87
C LEU A 541 26.85 9.48 -25.81
N ASP A 542 28.14 9.55 -26.14
CA ASP A 542 29.12 10.20 -25.28
C ASP A 542 29.27 11.66 -25.68
N LEU A 543 29.23 12.56 -24.70
CA LEU A 543 29.24 14.00 -24.97
C LEU A 543 30.29 14.70 -24.12
N ASP A 544 30.86 15.77 -24.68
CA ASP A 544 31.84 16.61 -24.01
C ASP A 544 31.31 17.99 -23.65
N LYS A 545 30.03 18.26 -23.91
CA LYS A 545 29.39 19.51 -23.55
C LYS A 545 28.04 19.24 -22.90
N ASN A 546 27.45 20.31 -22.37
CA ASN A 546 26.22 20.22 -21.59
C ASN A 546 24.97 20.40 -22.45
N VAL A 547 25.08 20.27 -23.76
CA VAL A 547 23.94 20.38 -24.67
C VAL A 547 23.60 18.99 -25.17
N ILE A 548 22.42 18.52 -24.78
CA ILE A 548 21.99 17.14 -25.04
C ILE A 548 21.03 17.16 -26.24
N PRO A 549 21.36 16.51 -27.33
CA PRO A 549 20.42 16.44 -28.46
C PRO A 549 19.19 15.61 -28.10
N ILE A 550 18.05 16.03 -28.62
CA ILE A 550 16.80 15.32 -28.47
C ILE A 550 16.46 14.68 -29.80
N ILE A 551 16.41 13.34 -29.84
CA ILE A 551 16.01 12.64 -31.04
C ILE A 551 14.52 12.77 -31.25
N GLU A 552 14.08 12.58 -32.50
CA GLU A 552 12.67 12.68 -32.83
C GLU A 552 11.87 11.61 -32.08
N PHE A 553 10.74 12.01 -31.53
CA PHE A 553 9.84 11.09 -30.82
C PHE A 553 8.41 11.56 -31.01
N GLU A 554 7.47 10.63 -30.83
CA GLU A 554 6.06 10.91 -31.11
C GLU A 554 5.37 11.63 -29.94
N ARG A 555 5.36 10.99 -28.77
CA ARG A 555 4.65 11.49 -27.59
C ARG A 555 5.59 11.87 -26.46
N ASP A 556 6.45 10.94 -26.06
CA ASP A 556 7.36 11.20 -24.95
C ASP A 556 8.56 10.28 -25.08
N LEU A 557 9.61 10.63 -24.33
CA LEU A 557 10.92 10.02 -24.46
C LEU A 557 11.62 10.18 -23.11
N ALA A 558 12.34 9.14 -22.68
CA ALA A 558 13.13 9.25 -21.46
C ALA A 558 14.62 9.29 -21.80
N ILE A 559 15.38 10.02 -20.97
CA ILE A 559 16.82 10.13 -21.16
C ILE A 559 17.51 9.94 -19.81
N LYS A 560 18.51 9.06 -19.78
CA LYS A 560 19.32 8.81 -18.59
C LYS A 560 20.73 9.34 -18.87
N ILE A 561 21.18 10.29 -18.05
CA ILE A 561 22.47 10.95 -18.22
C ILE A 561 23.36 10.57 -17.04
N GLU A 562 24.57 10.10 -17.34
CA GLU A 562 25.52 9.74 -16.30
C GLU A 562 26.68 10.74 -16.32
N LEU A 563 26.93 11.36 -15.16
CA LEU A 563 28.08 12.25 -15.01
C LEU A 563 29.34 11.41 -14.84
N LEU A 564 30.27 11.52 -15.79
CA LEU A 564 31.47 10.70 -15.79
C LEU A 564 32.63 11.40 -15.09
#